data_9NIA
#
_entry.id   9NIA
#
_cell.length_a   121.811
_cell.length_b   121.811
_cell.length_c   70.711
_cell.angle_alpha   90.00
_cell.angle_beta   90.00
_cell.angle_gamma   90.00
#
_symmetry.space_group_name_H-M   'I 41 2 2'
#
loop_
_entity.id
_entity.type
_entity.pdbx_description
1 polymer 'histidine kinase'
2 non-polymer 'CHLORIDE ION'
3 non-polymer ETHANOLAMINE
4 water water
#
_entity_poly.entity_id   1
_entity_poly.type   'polypeptide(L)'
_entity_poly.pdbx_seq_one_letter_code
;NNLALRAELLATQIREPLNNSIGVLQSLTSIGKSAADKEEQERMLRSLFSVVGGVIISGGLWPEPNLSATDPSLRYDSLF
FNKATDGQVDQLSSWNNPKAGGYDRESWYLAAEREAEGLYFWSPVYVDPYTRVEMITVSTPYYRNGQFAGVATVDLSLES
LIQFVAATAEQYNLGVNLKDAFGVEVVSHNFRTYDNALVSYYSFGEFNWQIEVVNAN
;
_entity_poly.pdbx_strand_id   A
#
# COMPACT_ATOMS: atom_id res chain seq x y z
N ASN A 1 26.54 -22.12 5.46
CA ASN A 1 26.59 -20.78 4.92
C ASN A 1 25.43 -19.96 5.50
N ASN A 2 24.72 -20.56 6.44
CA ASN A 2 23.66 -19.87 7.18
C ASN A 2 22.58 -19.32 6.26
N LEU A 3 22.26 -20.04 5.19
CA LEU A 3 21.26 -19.52 4.25
C LEU A 3 19.92 -19.24 4.93
N ALA A 4 19.41 -20.18 5.72
CA ALA A 4 18.09 -19.99 6.31
C ALA A 4 18.05 -18.75 7.20
N LEU A 5 19.12 -18.55 7.99
CA LEU A 5 19.20 -17.38 8.86
C LEU A 5 19.22 -16.09 8.05
N ARG A 6 20.08 -16.05 7.02
CA ARG A 6 20.16 -14.85 6.20
CA ARG A 6 20.16 -14.85 6.20
C ARG A 6 18.86 -14.62 5.44
N ALA A 7 18.19 -15.70 5.02
CA ALA A 7 16.89 -15.53 4.38
C ALA A 7 15.86 -14.95 5.35
N GLU A 8 15.95 -15.33 6.63
CA GLU A 8 15.08 -14.77 7.64
C GLU A 8 15.42 -13.31 7.89
N LEU A 9 16.72 -13.00 7.93
CA LEU A 9 17.10 -11.59 8.06
C LEU A 9 16.56 -10.77 6.92
N LEU A 10 16.61 -11.28 5.71
CA LEU A 10 16.08 -10.54 4.58
C LEU A 10 14.56 -10.41 4.67
N ALA A 11 13.85 -11.49 5.05
CA ALA A 11 12.40 -11.41 5.20
C ALA A 11 11.98 -10.34 6.20
N THR A 12 12.75 -10.18 7.26
CA THR A 12 12.43 -9.17 8.28
C THR A 12 12.48 -7.78 7.67
N GLN A 13 13.48 -7.55 6.83
CA GLN A 13 13.59 -6.26 6.15
C GLN A 13 12.47 -6.08 5.16
N ILE A 14 12.13 -7.12 4.38
CA ILE A 14 11.04 -7.01 3.43
C ILE A 14 9.74 -6.71 4.14
N ARG A 15 9.59 -7.20 5.37
CA ARG A 15 8.35 -6.94 6.10
C ARG A 15 8.23 -5.48 6.50
N GLU A 16 9.33 -4.74 6.52
CA GLU A 16 9.30 -3.39 7.07
C GLU A 16 8.40 -2.46 6.26
N PRO A 17 8.57 -2.33 4.95
CA PRO A 17 7.66 -1.45 4.20
C PRO A 17 6.20 -1.85 4.34
N LEU A 18 5.91 -3.13 4.53
CA LEU A 18 4.52 -3.53 4.64
C LEU A 18 3.96 -3.19 6.02
N ASN A 19 4.72 -3.46 7.09
CA ASN A 19 4.32 -3.05 8.43
C ASN A 19 4.22 -1.53 8.54
N ASN A 20 5.11 -0.83 7.86
CA ASN A 20 5.05 0.63 7.81
CA ASN A 20 5.05 0.63 7.81
C ASN A 20 3.74 1.09 7.21
N SER A 21 3.32 0.47 6.12
CA SER A 21 2.09 0.87 5.46
CA SER A 21 2.09 0.87 5.46
C SER A 21 0.90 0.60 6.36
N ILE A 22 0.87 -0.53 7.05
CA ILE A 22 -0.20 -0.82 7.98
C ILE A 22 -0.27 0.25 9.06
N GLY A 23 0.87 0.66 9.61
CA GLY A 23 0.82 1.66 10.67
C GLY A 23 0.27 2.99 10.19
N VAL A 24 0.63 3.39 8.99
CA VAL A 24 0.11 4.63 8.45
C VAL A 24 -1.38 4.49 8.23
N LEU A 25 -1.83 3.33 7.74
CA LEU A 25 -3.27 3.12 7.58
C LEU A 25 -4.01 3.26 8.89
N GLN A 26 -3.44 2.78 9.99
CA GLN A 26 -4.10 2.94 11.28
C GLN A 26 -4.25 4.42 11.62
N SER A 27 -3.25 5.24 11.27
CA SER A 27 -3.38 6.68 11.50
C SER A 27 -4.47 7.30 10.61
N LEU A 28 -4.57 6.85 9.35
CA LEU A 28 -5.61 7.34 8.46
C LEU A 28 -6.98 7.02 9.02
N THR A 29 -7.19 5.78 9.49
CA THR A 29 -8.49 5.41 10.02
C THR A 29 -8.82 6.23 11.27
N SER A 30 -7.83 6.52 12.13
CA SER A 30 -8.10 7.39 13.27
CA SER A 30 -8.10 7.39 13.27
C SER A 30 -8.63 8.74 12.81
N ILE A 31 -8.07 9.28 11.74
CA ILE A 31 -8.52 10.57 11.23
C ILE A 31 -9.91 10.44 10.63
N GLY A 32 -10.15 9.36 9.87
CA GLY A 32 -11.46 9.20 9.24
C GLY A 32 -12.56 8.96 10.24
N LYS A 33 -12.25 8.29 11.35
CA LYS A 33 -13.24 7.99 12.36
C LYS A 33 -13.53 9.18 13.27
N SER A 34 -12.68 10.20 13.24
CA SER A 34 -12.77 11.31 14.17
C SER A 34 -13.91 12.26 13.80
N ALA A 35 -14.12 13.27 14.66
CA ALA A 35 -15.09 14.32 14.42
C ALA A 35 -14.50 15.50 13.66
N ALA A 36 -13.26 15.39 13.20
CA ALA A 36 -12.64 16.50 12.48
C ALA A 36 -13.41 16.80 11.21
N ASP A 37 -13.51 18.08 10.86
CA ASP A 37 -14.19 18.44 9.63
C ASP A 37 -13.25 18.27 8.43
N LYS A 38 -13.77 18.55 7.24
CA LYS A 38 -13.02 18.26 6.02
C LYS A 38 -11.68 18.98 6.01
N GLU A 39 -11.68 20.27 6.35
CA GLU A 39 -10.44 21.06 6.28
C GLU A 39 -9.43 20.58 7.31
N GLU A 40 -9.91 20.19 8.50
CA GLU A 40 -9.02 19.66 9.53
C GLU A 40 -8.43 18.31 9.12
N GLN A 41 -9.24 17.47 8.45
CA GLN A 41 -8.71 16.20 7.95
C GLN A 41 -7.69 16.42 6.85
N GLU A 42 -7.95 17.34 5.94
CA GLU A 42 -6.98 17.63 4.89
C GLU A 42 -5.65 18.04 5.50
N ARG A 43 -5.68 18.88 6.55
CA ARG A 43 -4.44 19.32 7.16
C ARG A 43 -3.70 18.17 7.83
N MET A 44 -4.43 17.30 8.55
CA MET A 44 -3.78 16.19 9.23
C MET A 44 -3.23 15.20 8.22
N LEU A 45 -3.98 14.97 7.14
CA LEU A 45 -3.50 14.05 6.13
C LEU A 45 -2.27 14.59 5.42
N ARG A 46 -2.26 15.89 5.12
CA ARG A 46 -1.09 16.47 4.48
C ARG A 46 0.13 16.31 5.39
N SER A 47 -0.06 16.59 6.68
CA SER A 47 1.01 16.42 7.66
C SER A 47 1.44 14.97 7.75
N LEU A 48 0.46 14.05 7.79
CA LEU A 48 0.82 12.65 7.89
C LEU A 48 1.68 12.22 6.72
N PHE A 49 1.26 12.56 5.49
CA PHE A 49 2.06 12.11 4.35
C PHE A 49 3.40 12.84 4.27
N SER A 50 3.52 13.98 4.93
CA SER A 50 4.77 14.72 4.94
C SER A 50 5.81 14.03 5.81
N VAL A 51 5.36 13.43 6.91
CA VAL A 51 6.29 12.81 7.86
C VAL A 51 6.58 11.35 7.56
N VAL A 52 5.70 10.63 6.86
CA VAL A 52 5.96 9.25 6.57
C VAL A 52 7.08 9.15 5.54
N GLY A 53 7.78 8.03 5.55
CA GLY A 53 8.90 7.81 4.66
C GLY A 53 8.83 6.44 4.02
N GLY A 54 10.01 5.92 3.70
CA GLY A 54 10.08 4.60 3.10
C GLY A 54 9.47 4.60 1.71
N VAL A 55 8.75 3.52 1.43
CA VAL A 55 8.20 3.34 0.10
C VAL A 55 6.84 3.98 -0.07
N ILE A 56 6.29 4.63 0.97
CA ILE A 56 4.97 5.21 0.87
C ILE A 56 5.04 6.48 0.02
N ILE A 57 4.15 6.57 -0.97
CA ILE A 57 4.19 7.62 -1.97
C ILE A 57 2.90 8.42 -2.08
N SER A 58 1.76 7.88 -1.66
CA SER A 58 0.48 8.57 -1.79
C SER A 58 -0.56 7.78 -1.01
N GLY A 59 -1.77 8.33 -0.94
CA GLY A 59 -2.87 7.65 -0.28
C GLY A 59 -3.83 8.66 0.30
N GLY A 60 -4.72 8.17 1.14
CA GLY A 60 -5.66 9.08 1.78
C GLY A 60 -6.98 8.40 2.09
N LEU A 61 -8.02 9.23 2.10
CA LEU A 61 -9.37 8.86 2.55
C LEU A 61 -10.34 8.92 1.41
N TRP A 62 -11.23 7.94 1.35
CA TRP A 62 -12.16 7.75 0.23
C TRP A 62 -13.56 7.58 0.81
N PRO A 63 -14.28 8.69 1.05
CA PRO A 63 -15.58 8.59 1.70
C PRO A 63 -16.58 7.90 0.80
N GLU A 64 -17.52 7.21 1.41
CA GLU A 64 -18.55 6.59 0.60
C GLU A 64 -19.24 7.67 -0.24
N PRO A 65 -19.32 7.49 -1.56
CA PRO A 65 -19.90 8.54 -2.41
C PRO A 65 -21.38 8.69 -2.18
N ASN A 66 -21.87 9.88 -2.52
CA ASN A 66 -23.30 10.17 -2.65
C ASN A 66 -23.59 10.33 -4.14
N LEU A 67 -23.88 9.21 -4.80
CA LEU A 67 -24.11 9.25 -6.24
C LEU A 67 -25.44 9.91 -6.60
N SER A 68 -26.32 10.13 -5.62
CA SER A 68 -27.64 10.70 -5.88
C SER A 68 -27.65 12.23 -5.75
N ALA A 69 -26.54 12.85 -5.38
CA ALA A 69 -26.50 14.30 -5.28
C ALA A 69 -26.66 14.93 -6.66
N THR A 70 -27.44 16.02 -6.73
CA THR A 70 -27.71 16.66 -8.01
C THR A 70 -26.52 17.46 -8.52
N ASP A 71 -25.71 18.02 -7.63
CA ASP A 71 -24.51 18.73 -8.05
C ASP A 71 -23.39 17.72 -8.32
N PRO A 72 -22.85 17.66 -9.54
CA PRO A 72 -21.85 16.61 -9.82
C PRO A 72 -20.59 16.73 -8.97
N SER A 73 -20.23 17.92 -8.52
CA SER A 73 -19.01 18.10 -7.75
C SER A 73 -19.14 17.64 -6.30
N LEU A 74 -20.36 17.28 -5.84
CA LEU A 74 -20.57 16.81 -4.48
C LEU A 74 -20.59 15.30 -4.35
N ARG A 75 -20.50 14.56 -5.47
CA ARG A 75 -20.69 13.11 -5.40
C ARG A 75 -19.48 12.41 -4.80
N TYR A 76 -18.28 12.80 -5.21
CA TYR A 76 -17.05 12.15 -4.77
C TYR A 76 -16.18 13.16 -4.06
N ASP A 77 -15.68 12.80 -2.88
CA ASP A 77 -14.98 13.76 -2.03
CA ASP A 77 -14.98 13.75 -2.02
C ASP A 77 -13.78 13.08 -1.37
N SER A 78 -13.02 12.36 -2.18
CA SER A 78 -11.79 11.77 -1.68
C SER A 78 -10.81 12.84 -1.25
N LEU A 79 -9.97 12.47 -0.27
CA LEU A 79 -8.89 13.31 0.23
C LEU A 79 -7.63 12.51 -0.10
N PHE A 80 -7.03 12.82 -1.24
CA PHE A 80 -5.94 12.01 -1.81
C PHE A 80 -4.70 12.88 -1.93
N PHE A 81 -3.56 12.36 -1.44
CA PHE A 81 -2.29 13.07 -1.36
C PHE A 81 -1.18 12.30 -2.05
N ASN A 82 -0.29 13.06 -2.70
CA ASN A 82 0.80 12.51 -3.50
C ASN A 82 2.10 13.18 -3.06
N LYS A 83 3.10 12.36 -2.74
CA LYS A 83 4.41 12.86 -2.31
C LYS A 83 5.27 13.06 -3.54
N ALA A 84 5.57 14.31 -3.87
CA ALA A 84 6.39 14.64 -5.04
C ALA A 84 7.87 14.60 -4.68
N GLN A 88 7.72 17.57 -1.48
CA GLN A 88 6.49 18.27 -1.12
C GLN A 88 5.28 17.33 -1.28
N VAL A 89 4.16 17.71 -0.65
CA VAL A 89 2.94 16.92 -0.66
C VAL A 89 1.86 17.72 -1.37
N ASP A 90 1.24 17.12 -2.36
CA ASP A 90 0.16 17.74 -3.12
C ASP A 90 -1.14 17.00 -2.86
N GLN A 91 -2.22 17.74 -2.66
CA GLN A 91 -3.55 17.15 -2.64
C GLN A 91 -4.10 17.16 -4.06
N LEU A 92 -4.64 16.02 -4.49
CA LEU A 92 -5.22 15.88 -5.82
C LEU A 92 -6.73 15.67 -5.75
N SER A 93 -7.45 16.32 -6.67
CA SER A 93 -8.89 16.17 -6.78
C SER A 93 -9.30 15.27 -7.94
N SER A 94 -8.33 14.69 -8.66
CA SER A 94 -8.61 14.06 -9.95
C SER A 94 -9.55 12.87 -9.84
N TRP A 95 -9.49 12.13 -8.73
CA TRP A 95 -10.35 10.96 -8.56
C TRP A 95 -11.80 11.33 -8.28
N ASN A 96 -12.11 12.61 -8.01
CA ASN A 96 -13.46 13.03 -7.68
C ASN A 96 -14.24 13.50 -8.90
N ASN A 97 -13.66 13.33 -10.07
CA ASN A 97 -14.30 13.69 -11.32
C ASN A 97 -15.54 12.83 -11.55
N PRO A 98 -16.75 13.37 -11.42
CA PRO A 98 -17.95 12.53 -11.66
C PRO A 98 -17.97 11.96 -13.06
N LYS A 99 -17.49 12.73 -14.04
CA LYS A 99 -17.45 12.24 -15.41
C LYS A 99 -16.60 10.98 -15.56
N ALA A 100 -15.71 10.69 -14.61
CA ALA A 100 -14.72 9.65 -14.80
C ALA A 100 -15.03 8.35 -14.04
N GLY A 101 -16.20 8.26 -13.41
CA GLY A 101 -16.57 7.07 -12.69
C GLY A 101 -16.30 7.10 -11.20
N GLY A 102 -15.56 8.09 -10.72
CA GLY A 102 -15.21 8.11 -9.31
C GLY A 102 -14.33 6.94 -8.94
N TYR A 103 -14.34 6.63 -7.65
CA TYR A 103 -13.41 5.68 -7.08
C TYR A 103 -14.05 4.46 -6.43
N ASP A 104 -15.38 4.39 -6.34
CA ASP A 104 -16.01 3.34 -5.54
C ASP A 104 -16.12 2.01 -6.28
N ARG A 105 -15.65 1.93 -7.52
CA ARG A 105 -15.55 0.65 -8.22
C ARG A 105 -14.11 0.23 -8.48
N GLU A 106 -13.14 0.91 -7.87
CA GLU A 106 -11.77 0.49 -7.97
C GLU A 106 -11.55 -0.73 -7.08
N SER A 107 -10.64 -1.58 -7.53
CA SER A 107 -10.34 -2.82 -6.83
C SER A 107 -10.00 -2.56 -5.36
N TRP A 108 -9.19 -1.54 -5.09
CA TRP A 108 -8.72 -1.30 -3.73
C TRP A 108 -9.81 -0.69 -2.85
N TYR A 109 -10.83 -0.09 -3.45
CA TYR A 109 -12.00 0.36 -2.68
C TYR A 109 -12.95 -0.81 -2.41
N LEU A 110 -13.27 -1.57 -3.46
CA LEU A 110 -14.20 -2.69 -3.34
C LEU A 110 -13.71 -3.74 -2.36
N ALA A 111 -12.41 -3.99 -2.33
CA ALA A 111 -11.86 -5.00 -1.43
C ALA A 111 -12.17 -4.67 0.03
N ALA A 112 -12.12 -3.38 0.39
CA ALA A 112 -12.32 -2.96 1.77
C ALA A 112 -13.76 -2.55 2.11
N GLU A 113 -14.60 -2.30 1.11
CA GLU A 113 -15.93 -1.77 1.32
C GLU A 113 -16.74 -2.67 2.23
N ARG A 114 -17.26 -2.08 3.30
CA ARG A 114 -18.12 -2.76 4.27
C ARG A 114 -17.45 -3.94 4.95
N GLU A 115 -16.13 -4.07 4.84
CA GLU A 115 -15.44 -5.11 5.57
C GLU A 115 -15.26 -4.70 7.04
N ALA A 116 -14.82 -5.65 7.86
CA ALA A 116 -14.63 -5.38 9.28
C ALA A 116 -13.40 -4.51 9.48
N GLU A 117 -13.50 -3.56 10.40
CA GLU A 117 -12.34 -2.74 10.74
C GLU A 117 -11.21 -3.65 11.20
N GLY A 118 -9.99 -3.23 10.90
CA GLY A 118 -8.83 -3.99 11.30
C GLY A 118 -8.39 -5.03 10.29
N LEU A 119 -9.12 -5.19 9.19
CA LEU A 119 -8.69 -6.03 8.09
C LEU A 119 -8.05 -5.17 7.00
N TYR A 120 -6.99 -5.68 6.40
CA TYR A 120 -6.20 -4.96 5.42
C TYR A 120 -6.21 -5.75 4.12
N PHE A 121 -6.18 -5.03 3.02
CA PHE A 121 -6.32 -5.60 1.69
C PHE A 121 -5.26 -5.04 0.77
N TRP A 122 -4.68 -5.91 -0.03
CA TRP A 122 -3.56 -5.59 -0.91
C TRP A 122 -4.02 -5.70 -2.37
N SER A 123 -3.86 -4.60 -3.13
CA SER A 123 -4.30 -4.52 -4.51
C SER A 123 -3.30 -5.17 -5.45
N PRO A 124 -3.72 -5.51 -6.64
CA PRO A 124 -2.77 -5.79 -7.71
C PRO A 124 -1.90 -4.58 -8.01
N VAL A 125 -0.74 -4.84 -8.62
CA VAL A 125 0.10 -3.76 -9.14
C VAL A 125 -0.71 -2.97 -10.17
N TYR A 126 -0.59 -1.64 -10.14
CA TYR A 126 -1.23 -0.82 -11.15
C TYR A 126 -0.47 0.51 -11.22
N VAL A 127 -0.76 1.27 -12.27
CA VAL A 127 -0.28 2.65 -12.37
C VAL A 127 -1.46 3.57 -12.06
N ASP A 128 -1.30 4.39 -11.02
CA ASP A 128 -2.36 5.34 -10.71
C ASP A 128 -2.54 6.25 -11.91
N PRO A 129 -3.78 6.43 -12.40
CA PRO A 129 -3.97 7.15 -13.66
C PRO A 129 -3.71 8.62 -13.53
N TYR A 130 -3.62 9.15 -12.31
CA TYR A 130 -3.42 10.58 -12.08
C TYR A 130 -2.04 10.92 -11.57
N THR A 131 -1.43 10.11 -10.66
CA THR A 131 -0.05 10.37 -10.30
C THR A 131 0.96 9.73 -11.25
N ARG A 132 0.53 8.74 -12.04
CA ARG A 132 1.32 7.98 -13.01
C ARG A 132 2.42 7.18 -12.33
N VAL A 133 2.27 6.89 -11.05
CA VAL A 133 3.25 6.08 -10.32
C VAL A 133 2.78 4.63 -10.29
N GLU A 134 3.69 3.73 -10.64
CA GLU A 134 3.43 2.29 -10.51
C GLU A 134 3.50 1.88 -9.05
N MET A 135 2.47 1.18 -8.58
CA MET A 135 2.25 1.07 -7.14
C MET A 135 1.45 -0.17 -6.79
N ILE A 136 1.51 -0.52 -5.49
CA ILE A 136 0.60 -1.45 -4.83
C ILE A 136 -0.09 -0.69 -3.72
N THR A 137 -1.38 -0.90 -3.55
CA THR A 137 -2.17 -0.17 -2.55
C THR A 137 -2.62 -1.12 -1.46
N VAL A 138 -2.49 -0.68 -0.22
CA VAL A 138 -3.09 -1.34 0.94
CA VAL A 138 -3.10 -1.35 0.92
C VAL A 138 -4.28 -0.49 1.38
N SER A 139 -5.42 -1.15 1.62
CA SER A 139 -6.64 -0.45 2.01
C SER A 139 -7.33 -1.13 3.19
N THR A 140 -8.18 -0.36 3.84
CA THR A 140 -8.93 -0.81 5.02
C THR A 140 -10.17 0.08 5.16
N PRO A 141 -11.27 -0.46 5.67
CA PRO A 141 -12.46 0.37 5.88
C PRO A 141 -12.34 1.13 7.19
N TYR A 142 -13.09 2.21 7.27
CA TYR A 142 -13.30 2.91 8.54
C TYR A 142 -14.79 3.23 8.69
N TYR A 143 -15.22 3.30 9.95
CA TYR A 143 -16.61 3.46 10.33
C TYR A 143 -16.83 4.73 11.13
N ARG A 144 -18.07 5.22 11.11
CA ARG A 144 -18.47 6.34 11.94
C ARG A 144 -19.86 6.05 12.44
N ASN A 145 -20.04 6.11 13.76
CA ASN A 145 -21.35 5.91 14.38
C ASN A 145 -21.94 4.55 14.01
N GLY A 146 -21.07 3.53 13.99
CA GLY A 146 -21.49 2.18 13.72
C GLY A 146 -21.70 1.84 12.26
N GLN A 147 -21.52 2.79 11.35
CA GLN A 147 -21.82 2.61 9.94
C GLN A 147 -20.55 2.81 9.11
N PHE A 148 -20.39 1.95 8.10
CA PHE A 148 -19.29 2.11 7.16
C PHE A 148 -19.27 3.51 6.60
N ALA A 149 -18.08 4.14 6.62
CA ALA A 149 -17.99 5.54 6.22
C ALA A 149 -17.09 5.75 5.01
N GLY A 150 -16.15 4.86 4.79
CA GLY A 150 -15.26 5.00 3.65
C GLY A 150 -14.08 4.05 3.76
N VAL A 151 -13.16 4.22 2.82
CA VAL A 151 -11.95 3.42 2.72
C VAL A 151 -10.74 4.34 2.89
N ALA A 152 -9.75 3.84 3.63
CA ALA A 152 -8.44 4.48 3.73
C ALA A 152 -7.44 3.68 2.89
N THR A 153 -6.49 4.39 2.28
CA THR A 153 -5.47 3.72 1.49
C THR A 153 -4.08 4.31 1.74
N VAL A 154 -3.09 3.45 1.54
CA VAL A 154 -1.69 3.82 1.40
C VAL A 154 -1.12 3.16 0.15
N ASP A 155 -0.44 3.97 -0.68
CA ASP A 155 0.17 3.49 -1.91
C ASP A 155 1.68 3.31 -1.71
N LEU A 156 2.19 2.14 -2.08
CA LEU A 156 3.61 1.83 -2.02
C LEU A 156 4.19 1.98 -3.42
N SER A 157 5.27 2.74 -3.53
CA SER A 157 5.96 2.88 -4.80
C SER A 157 6.65 1.58 -5.15
N LEU A 158 6.29 1.00 -6.30
CA LEU A 158 6.95 -0.24 -6.71
C LEU A 158 8.44 -0.01 -6.93
N GLU A 159 8.81 1.11 -7.57
CA GLU A 159 10.23 1.41 -7.81
C GLU A 159 11.01 1.47 -6.52
N SER A 160 10.46 2.12 -5.49
CA SER A 160 11.12 2.22 -4.21
C SER A 160 11.22 0.87 -3.51
N LEU A 161 10.16 0.08 -3.62
CA LEU A 161 10.16 -1.25 -3.02
C LEU A 161 11.21 -2.12 -3.68
N ILE A 162 11.29 -2.10 -5.02
CA ILE A 162 12.29 -2.88 -5.74
C ILE A 162 13.69 -2.49 -5.28
N GLN A 163 13.97 -1.19 -5.23
CA GLN A 163 15.31 -0.73 -4.86
C GLN A 163 15.66 -1.22 -3.46
N PHE A 164 14.70 -1.14 -2.54
CA PHE A 164 14.97 -1.50 -1.15
C PHE A 164 15.25 -2.98 -1.03
N VAL A 165 14.41 -3.81 -1.64
CA VAL A 165 14.56 -5.26 -1.51
C VAL A 165 15.87 -5.69 -2.17
N ALA A 166 16.14 -5.18 -3.37
CA ALA A 166 17.35 -5.59 -4.09
C ALA A 166 18.60 -5.17 -3.32
N ALA A 167 18.63 -3.94 -2.80
CA ALA A 167 19.79 -3.43 -2.12
C ALA A 167 20.03 -4.23 -0.84
N THR A 168 18.95 -4.61 -0.17
CA THR A 168 19.08 -5.40 1.05
C THR A 168 19.58 -6.79 0.74
N ALA A 169 19.03 -7.41 -0.30
CA ALA A 169 19.48 -8.75 -0.68
C ALA A 169 20.95 -8.72 -1.07
N GLU A 170 21.34 -7.71 -1.84
CA GLU A 170 22.76 -7.58 -2.21
C GLU A 170 23.65 -7.48 -0.97
N GLN A 171 23.25 -6.68 0.01
CA GLN A 171 24.03 -6.51 1.24
C GLN A 171 24.21 -7.83 1.97
N TYR A 172 23.18 -8.68 2.00
CA TYR A 172 23.25 -9.97 2.65
C TYR A 172 23.79 -11.08 1.75
N ASN A 173 24.32 -10.76 0.57
CA ASN A 173 24.84 -11.73 -0.38
C ASN A 173 23.83 -12.82 -0.70
N LEU A 174 22.64 -12.37 -1.09
CA LEU A 174 21.55 -13.26 -1.42
C LEU A 174 20.94 -12.88 -2.77
N GLY A 175 20.32 -13.85 -3.39
CA GLY A 175 19.38 -13.61 -4.48
C GLY A 175 17.98 -13.85 -3.99
N VAL A 176 17.01 -13.12 -4.55
CA VAL A 176 15.64 -13.20 -4.06
C VAL A 176 14.66 -12.96 -5.21
N ASN A 177 13.60 -13.76 -5.23
CA ASN A 177 12.38 -13.45 -5.99
C ASN A 177 11.24 -13.21 -5.00
N LEU A 178 10.52 -12.09 -5.20
CA LEU A 178 9.37 -11.77 -4.37
C LEU A 178 8.15 -11.68 -5.28
N LYS A 179 7.13 -12.47 -4.97
CA LYS A 179 5.89 -12.53 -5.73
C LYS A 179 4.72 -12.06 -4.86
N ASP A 180 3.75 -11.39 -5.48
CA ASP A 180 2.60 -10.95 -4.69
C ASP A 180 1.48 -11.98 -4.73
N ALA A 181 0.32 -11.63 -4.19
CA ALA A 181 -0.79 -12.56 -4.05
C ALA A 181 -1.49 -12.86 -5.37
N PHE A 182 -1.07 -12.21 -6.45
CA PHE A 182 -1.57 -12.45 -7.77
C PHE A 182 -0.52 -13.12 -8.66
N GLY A 183 0.58 -13.53 -8.07
CA GLY A 183 1.63 -14.15 -8.84
C GLY A 183 2.53 -13.22 -9.61
N VAL A 184 2.39 -11.92 -9.46
CA VAL A 184 3.22 -10.97 -10.15
C VAL A 184 4.59 -10.90 -9.47
N GLU A 185 5.62 -10.88 -10.28
CA GLU A 185 6.99 -10.83 -9.77
C GLU A 185 7.34 -9.40 -9.44
N VAL A 186 7.23 -9.07 -8.14
CA VAL A 186 7.51 -7.72 -7.69
C VAL A 186 8.98 -7.39 -7.87
N VAL A 187 9.86 -8.30 -7.41
CA VAL A 187 11.30 -8.10 -7.47
C VAL A 187 11.95 -9.44 -7.78
N SER A 188 12.96 -9.40 -8.64
CA SER A 188 13.83 -10.55 -8.88
C SER A 188 15.27 -10.03 -8.94
N HIS A 189 16.09 -10.35 -7.93
CA HIS A 189 17.43 -9.80 -7.81
C HIS A 189 18.43 -10.94 -7.64
N ASN A 190 19.26 -11.13 -8.66
CA ASN A 190 20.38 -12.07 -8.61
C ASN A 190 19.95 -13.48 -8.20
N PHE A 191 18.80 -13.90 -8.70
CA PHE A 191 18.22 -15.21 -8.36
C PHE A 191 18.32 -16.12 -9.57
N ARG A 192 18.95 -17.29 -9.37
CA ARG A 192 18.99 -18.33 -10.37
C ARG A 192 19.34 -19.61 -9.63
N THR A 193 19.04 -20.72 -10.27
CA THR A 193 19.33 -22.02 -9.68
C THR A 193 20.04 -22.91 -10.67
N TYR A 194 21.09 -23.57 -10.19
CA TYR A 194 21.83 -24.55 -10.97
C TYR A 194 22.72 -25.29 -9.97
N ASP A 195 23.19 -26.48 -10.39
CA ASP A 195 24.11 -27.30 -9.60
C ASP A 195 23.60 -27.50 -8.17
N ASN A 196 22.29 -27.78 -8.07
CA ASN A 196 21.66 -28.15 -6.79
C ASN A 196 21.80 -27.06 -5.72
N ALA A 197 21.80 -25.80 -6.14
CA ALA A 197 21.69 -24.66 -5.23
C ALA A 197 20.47 -24.82 -4.33
N LEU A 198 20.66 -24.57 -3.04
CA LEU A 198 19.55 -24.63 -2.10
C LEU A 198 18.69 -23.39 -2.24
N VAL A 199 17.36 -23.58 -2.18
CA VAL A 199 16.41 -22.47 -2.20
C VAL A 199 15.69 -22.45 -0.86
N SER A 200 15.63 -21.27 -0.25
CA SER A 200 14.94 -21.07 1.02
C SER A 200 13.64 -20.32 0.73
N TYR A 201 12.53 -20.89 1.19
CA TYR A 201 11.22 -20.30 0.89
C TYR A 201 10.60 -19.69 2.15
N TYR A 202 9.95 -18.54 1.96
CA TYR A 202 9.27 -17.92 3.09
C TYR A 202 7.97 -17.33 2.59
N SER A 203 6.89 -17.60 3.31
CA SER A 203 5.57 -17.08 3.00
C SER A 203 5.17 -16.09 4.06
N PHE A 204 4.80 -14.89 3.65
CA PHE A 204 4.26 -13.88 4.57
C PHE A 204 2.78 -14.18 4.82
N GLY A 205 2.45 -14.48 6.07
CA GLY A 205 1.11 -14.99 6.35
C GLY A 205 0.03 -13.93 6.34
N GLU A 206 0.40 -12.69 6.67
CA GLU A 206 -0.59 -11.61 6.71
C GLU A 206 -0.86 -11.03 5.34
N PHE A 207 0.11 -11.11 4.42
CA PHE A 207 0.05 -10.43 3.13
C PHE A 207 -0.09 -11.38 1.95
N ASN A 208 0.11 -12.67 2.17
CA ASN A 208 -0.05 -13.66 1.10
C ASN A 208 0.97 -13.44 -0.02
N TRP A 209 2.13 -12.87 0.32
CA TRP A 209 3.26 -12.79 -0.58
C TRP A 209 4.26 -13.93 -0.33
N GLN A 210 5.20 -14.07 -1.27
CA GLN A 210 6.12 -15.21 -1.24
C GLN A 210 7.52 -14.81 -1.66
N ILE A 211 8.52 -15.32 -0.92
CA ILE A 211 9.89 -15.13 -1.37
C ILE A 211 10.58 -16.49 -1.51
N GLU A 212 11.47 -16.53 -2.49
CA GLU A 212 12.43 -17.62 -2.64
C GLU A 212 13.82 -17.00 -2.63
N VAL A 213 14.72 -17.60 -1.88
CA VAL A 213 16.03 -16.99 -1.63
C VAL A 213 17.11 -18.02 -1.92
N VAL A 214 18.21 -17.53 -2.55
CA VAL A 214 19.41 -18.34 -2.76
C VAL A 214 20.64 -17.59 -2.28
N ASN A 215 21.71 -18.32 -2.03
CA ASN A 215 22.98 -17.69 -1.73
C ASN A 215 23.56 -17.11 -3.01
N ALA A 216 24.20 -15.94 -2.91
CA ALA A 216 24.87 -15.33 -4.06
C ALA A 216 26.34 -15.75 -4.13
N ASN A 217 26.84 -15.96 -5.35
CA ASN A 217 28.23 -16.39 -5.58
C ASN A 217 29.09 -15.23 -6.08
#